data_9AZ3
#
_entry.id   9AZ3
#
loop_
_entity.id
_entity.type
_entity.pdbx_description
1 polymer 'Laminin subunit gamma-1'
2 polymer Netrin-4
3 non-polymer 2-acetamido-2-deoxy-beta-D-glucopyranose
#
loop_
_entity_poly.entity_id
_entity_poly.type
_entity_poly.pdbx_seq_one_letter_code
_entity_poly.pdbx_strand_id
1 'polypeptide(L)'
;MDECTDEGGRPQRCMPEFVNAAFNVTVVATNTCGTPPEEYCVQTGVTGVTKSCHLCDAGQPHLQHGAAFLTDYNNQADTT
WWQSQTMLAGVQYPSSINLTLHLGKAFDITYVRLKFHTSRPESFAIYKRTWEDGPWIPYQYYSGSCENTYSKANRGFIRT
GGDEQQALCTDEFSDISPLTGGNVAFSTLEGRPSAYNFDNSPVLQEWVTATDISVTLNRLNTFGDEVFNRPKVLKSYYYA
ISDFAVGGRCKCNGHASECMKNEFDKLVCNCKHNTYGVDCEKCLPFFNDRPWRRATAESASECLP
;
G
2 'polypeptide(L)'
;LGRKLRADTMCGQNATELFCFYSENADLTCRQPKCDKCNAAHSHLAHPPSAMADSSFRFPRTWWQSAEDVHREKIQLDLE
AEFYFTHLIMVFKSPRPAAMVLDRSQDFGKTWKPYKYFATNCSATFGLEDDVVKKGAICTSRYSNPFPCTGGEVIFRALS
PPYDIENPYSAKVQEQLKITNLRVRLLKRQSCPCQINDLNAKPHHFMHYAVYDFIVKGSCFCNGHADQCLPVEGFRPIKA
PGAFHVVHGRCMCKHNTAGSHCQHCAPLYNDRPWEAADGRTGAP
;
N
#
loop_
_chem_comp.id
_chem_comp.type
_chem_comp.name
_chem_comp.formula
NAG D-saccharide, beta linking 2-acetamido-2-deoxy-beta-D-glucopyranose 'C8 H15 N O6'
#
# COMPACT_ATOMS: atom_id res chain seq x y z
N CYS A 14 30.16 -15.74 23.51
CA CYS A 14 30.90 -14.50 23.13
C CYS A 14 30.27 -13.86 21.90
N MET A 15 29.65 -14.70 21.06
CA MET A 15 29.10 -14.21 19.81
C MET A 15 28.00 -13.19 20.08
N PRO A 16 27.92 -12.11 19.29
CA PRO A 16 26.80 -11.18 19.44
C PRO A 16 25.48 -11.84 19.07
N GLU A 17 24.43 -11.45 19.78
CA GLU A 17 23.09 -12.00 19.59
C GLU A 17 22.14 -10.90 19.19
N PHE A 18 21.51 -11.05 18.03
CA PHE A 18 20.57 -10.07 17.50
C PHE A 18 19.21 -10.29 18.13
N VAL A 19 18.64 -9.22 18.66
CA VAL A 19 17.31 -9.25 19.28
C VAL A 19 16.51 -8.08 18.75
N ASN A 20 15.19 -8.20 18.82
CA ASN A 20 14.33 -7.12 18.35
C ASN A 20 14.65 -5.84 19.11
N ALA A 21 14.87 -4.76 18.36
CA ALA A 21 15.18 -3.47 18.96
C ALA A 21 13.95 -2.75 19.47
N ALA A 22 12.75 -3.27 19.19
CA ALA A 22 11.50 -2.68 19.63
C ALA A 22 10.92 -3.38 20.84
N PHE A 23 11.78 -3.86 21.75
CA PHE A 23 11.36 -4.60 22.92
C PHE A 23 11.52 -3.72 24.15
N ASN A 24 10.47 -3.66 24.97
CA ASN A 24 10.50 -2.91 26.23
C ASN A 24 10.90 -1.45 25.99
N VAL A 25 10.48 -0.90 24.86
CA VAL A 25 10.82 0.46 24.48
C VAL A 25 9.56 1.18 24.02
N THR A 26 9.61 2.51 24.08
CA THR A 26 8.49 3.36 23.71
C THR A 26 8.92 4.31 22.60
N VAL A 27 8.06 4.45 21.59
CA VAL A 27 8.27 5.41 20.51
C VAL A 27 7.80 6.78 21.00
N VAL A 28 8.65 7.79 20.86
CA VAL A 28 8.29 9.16 21.20
C VAL A 28 7.55 9.74 20.00
N ALA A 29 6.23 9.70 20.06
CA ALA A 29 5.38 10.11 18.95
C ALA A 29 4.85 11.52 19.19
N THR A 30 5.12 12.41 18.23
CA THR A 30 4.65 13.80 18.36
C THR A 30 3.14 13.86 18.35
N ASN A 31 2.50 13.07 17.49
CA ASN A 31 1.04 13.02 17.41
C ASN A 31 0.59 11.57 17.45
N THR A 32 -0.49 11.32 18.19
CA THR A 32 -1.06 9.98 18.32
C THR A 32 -2.57 10.10 18.51
N CYS A 33 -3.29 9.17 17.91
CA CYS A 33 -4.74 9.19 17.99
C CYS A 33 -5.20 8.94 19.43
N GLY A 34 -6.39 9.44 19.74
CA GLY A 34 -7.03 9.14 21.01
C GLY A 34 -7.29 10.36 21.87
N THR A 35 -6.35 11.30 21.90
CA THR A 35 -6.52 12.45 22.79
C THR A 35 -7.81 13.23 22.51
N PRO A 36 -8.15 13.57 21.27
CA PRO A 36 -9.51 14.07 21.01
C PRO A 36 -10.46 12.93 20.69
N PRO A 37 -11.74 13.21 20.53
CA PRO A 37 -12.69 12.20 20.03
C PRO A 37 -12.70 12.17 18.51
N GLU A 38 -12.34 11.03 17.94
CA GLU A 38 -12.24 10.89 16.49
C GLU A 38 -13.03 9.66 16.04
N GLU A 39 -13.64 9.78 14.87
CA GLU A 39 -14.30 8.68 14.20
C GLU A 39 -13.62 8.45 12.86
N TYR A 40 -13.13 7.23 12.64
CA TYR A 40 -12.36 6.90 11.45
C TYR A 40 -12.84 5.58 10.88
N CYS A 41 -12.65 5.43 9.57
CA CYS A 41 -13.00 4.21 8.85
C CYS A 41 -11.82 3.81 7.97
N VAL A 42 -11.58 2.50 7.90
CA VAL A 42 -10.46 1.96 7.14
C VAL A 42 -10.95 0.77 6.33
N GLN A 43 -10.13 0.34 5.37
CA GLN A 43 -10.48 -0.78 4.53
C GLN A 43 -10.81 -2.00 5.38
N THR A 44 -11.74 -2.82 4.89
CA THR A 44 -12.21 -3.99 5.63
C THR A 44 -11.26 -5.18 5.53
N GLY A 45 -10.02 -4.97 5.11
CA GLY A 45 -9.08 -6.08 5.02
C GLY A 45 -8.72 -6.66 6.38
N VAL A 46 -8.48 -5.80 7.37
CA VAL A 46 -8.03 -6.23 8.69
C VAL A 46 -9.11 -6.07 9.73
N THR A 47 -9.71 -4.87 9.83
CA THR A 47 -10.65 -4.61 10.91
C THR A 47 -11.86 -5.55 10.82
N GLY A 48 -12.40 -5.73 9.63
CA GLY A 48 -13.53 -6.63 9.46
C GLY A 48 -14.79 -6.19 10.18
N VAL A 49 -14.94 -4.90 10.49
CA VAL A 49 -16.15 -4.43 11.12
C VAL A 49 -17.33 -4.62 10.16
N THR A 50 -18.53 -4.60 10.71
CA THR A 50 -19.72 -4.81 9.88
C THR A 50 -19.84 -3.72 8.82
N LYS A 51 -19.56 -2.47 9.18
CA LYS A 51 -19.56 -1.36 8.24
C LYS A 51 -18.16 -0.79 8.03
N SER A 52 -17.12 -1.44 8.52
CA SER A 52 -15.74 -0.96 8.39
C SER A 52 -15.61 0.45 8.95
N CYS A 53 -16.28 0.71 10.06
CA CYS A 53 -16.27 2.03 10.68
C CYS A 53 -16.36 1.89 12.19
N HIS A 54 -15.42 2.53 12.90
CA HIS A 54 -15.41 2.54 14.35
C HIS A 54 -14.58 3.73 14.82
N LEU A 55 -14.76 4.10 16.09
CA LEU A 55 -14.15 5.31 16.60
C LEU A 55 -12.87 5.00 17.39
N CYS A 56 -11.78 5.62 16.94
CA CYS A 56 -10.48 5.54 17.60
C CYS A 56 -10.58 6.20 18.97
N ASP A 57 -9.87 5.64 19.95
CA ASP A 57 -9.87 6.19 21.29
C ASP A 57 -8.62 5.73 22.04
N ALA A 58 -8.27 6.48 23.09
CA ALA A 58 -7.16 6.14 23.96
C ALA A 58 -7.57 5.96 25.41
N GLY A 59 -8.78 6.37 25.78
CA GLY A 59 -9.21 6.17 27.16
C GLY A 59 -9.35 4.70 27.51
N GLN A 60 -9.78 3.89 26.56
CA GLN A 60 -9.95 2.46 26.81
C GLN A 60 -8.58 1.83 27.11
N PRO A 61 -8.43 1.11 28.21
CA PRO A 61 -7.09 0.56 28.53
C PRO A 61 -6.53 -0.34 27.45
N HIS A 62 -7.37 -1.16 26.81
CA HIS A 62 -6.87 -2.13 25.85
C HIS A 62 -6.75 -1.56 24.45
N LEU A 63 -7.63 -0.64 24.06
CA LEU A 63 -7.63 -0.09 22.71
C LEU A 63 -6.65 1.07 22.57
N GLN A 64 -5.82 1.33 23.58
CA GLN A 64 -4.81 2.36 23.46
C GLN A 64 -3.89 2.08 22.29
N HIS A 65 -3.66 3.08 21.47
CA HIS A 65 -2.73 3.03 20.35
C HIS A 65 -1.38 3.59 20.77
N GLY A 66 -1.07 3.45 22.06
CA GLY A 66 0.08 4.11 22.64
C GLY A 66 1.38 3.68 22.00
N ALA A 67 2.45 4.34 22.47
CA ALA A 67 3.79 4.09 21.93
C ALA A 67 4.26 2.67 22.26
N ALA A 68 4.00 2.20 23.48
CA ALA A 68 4.48 0.88 23.88
C ALA A 68 3.90 -0.22 23.01
N PHE A 69 2.61 -0.11 22.67
CA PHE A 69 1.98 -1.14 21.82
C PHE A 69 2.75 -1.31 20.52
N LEU A 70 3.24 -0.21 19.95
CA LEU A 70 3.98 -0.30 18.69
C LEU A 70 5.23 -1.16 18.84
N THR A 71 5.96 -0.97 19.93
CA THR A 71 7.20 -1.70 20.19
C THR A 71 6.93 -2.68 21.32
N ASP A 72 6.63 -3.92 20.96
CA ASP A 72 6.30 -4.96 21.94
C ASP A 72 6.74 -6.30 21.38
N TYR A 73 6.22 -7.38 21.97
CA TYR A 73 6.57 -8.72 21.51
C TYR A 73 6.22 -8.92 20.04
N ASN A 74 5.29 -8.12 19.51
CA ASN A 74 4.88 -8.22 18.11
C ASN A 74 4.25 -9.59 17.83
N ASN A 75 3.15 -9.85 18.53
CA ASN A 75 2.45 -11.11 18.36
C ASN A 75 2.10 -11.35 16.90
N GLN A 76 2.60 -12.45 16.35
CA GLN A 76 2.40 -12.73 14.94
C GLN A 76 0.92 -12.95 14.62
N ALA A 77 0.20 -13.65 15.49
CA ALA A 77 -1.22 -13.88 15.25
C ALA A 77 -1.97 -12.56 15.16
N ASP A 78 -1.70 -11.64 16.08
CA ASP A 78 -2.28 -10.30 16.04
C ASP A 78 -1.41 -9.37 16.87
N THR A 79 -0.75 -8.43 16.21
CA THR A 79 0.15 -7.49 16.87
C THR A 79 -0.55 -6.15 17.04
N THR A 80 -0.41 -5.57 18.22
CA THR A 80 -1.06 -4.30 18.51
C THR A 80 -0.62 -3.24 17.50
N TRP A 81 -1.59 -2.51 16.97
CA TRP A 81 -1.35 -1.52 15.92
C TRP A 81 -1.63 -0.13 16.46
N TRP A 82 -1.06 0.87 15.79
CA TRP A 82 -1.30 2.26 16.12
C TRP A 82 -1.63 3.03 14.84
N GLN A 83 -2.49 4.04 14.97
CA GLN A 83 -2.87 4.91 13.87
C GLN A 83 -2.40 6.32 14.18
N SER A 84 -1.76 6.95 13.21
CA SER A 84 -1.38 8.35 13.33
C SER A 84 -2.59 9.24 13.05
N GLN A 85 -2.46 10.53 13.35
CA GLN A 85 -3.55 11.45 13.10
C GLN A 85 -3.80 11.56 11.60
N THR A 86 -5.06 11.70 11.23
CA THR A 86 -5.48 11.63 9.84
C THR A 86 -5.38 13.02 9.20
N MET A 87 -5.83 13.13 7.95
CA MET A 87 -5.85 14.41 7.26
C MET A 87 -6.79 15.40 7.92
N LEU A 88 -7.71 14.94 8.77
CA LEU A 88 -8.58 15.86 9.50
C LEU A 88 -7.76 16.88 10.27
N ALA A 89 -6.64 16.44 10.85
CA ALA A 89 -5.73 17.36 11.52
C ALA A 89 -4.89 18.16 10.54
N GLY A 90 -5.17 18.06 9.23
CA GLY A 90 -4.42 18.81 8.24
C GLY A 90 -2.95 18.49 8.22
N VAL A 91 -2.59 17.22 8.37
CA VAL A 91 -1.18 16.81 8.39
C VAL A 91 -0.79 16.51 6.95
N GLN A 92 -0.49 17.57 6.19
CA GLN A 92 0.14 17.43 4.88
C GLN A 92 1.00 18.68 4.65
N TYR A 93 2.25 18.62 5.08
CA TYR A 93 3.19 19.72 4.93
C TYR A 93 4.51 19.14 4.44
N PRO A 94 5.51 19.99 4.17
CA PRO A 94 6.85 19.46 3.95
C PRO A 94 7.36 18.64 5.11
N SER A 95 6.95 18.96 6.33
CA SER A 95 7.25 18.18 7.52
C SER A 95 5.94 17.83 8.23
N SER A 96 5.90 16.66 8.86
CA SER A 96 4.69 16.16 9.50
C SER A 96 5.08 15.34 10.71
N ILE A 97 4.13 14.54 11.20
CA ILE A 97 4.32 13.75 12.42
C ILE A 97 5.63 12.99 12.31
N ASN A 98 6.50 13.18 13.30
CA ASN A 98 7.81 12.52 13.33
C ASN A 98 7.93 11.77 14.65
N LEU A 99 7.42 10.54 14.66
CA LEU A 99 7.54 9.71 15.86
C LEU A 99 8.93 9.11 15.93
N THR A 100 9.57 9.26 17.09
CA THR A 100 10.97 8.91 17.27
C THR A 100 11.11 7.80 18.29
N LEU A 101 12.28 7.17 18.28
CA LEU A 101 12.61 6.05 19.16
C LEU A 101 13.81 6.42 20.03
N HIS A 102 13.58 6.54 21.32
CA HIS A 102 14.66 6.73 22.29
C HIS A 102 14.97 5.42 23.01
N LEU A 103 15.64 4.52 22.30
CA LEU A 103 15.99 3.23 22.89
C LEU A 103 16.93 3.39 24.08
N GLY A 104 18.12 3.92 23.82
CA GLY A 104 19.15 4.01 24.87
C GLY A 104 20.49 3.45 24.45
N LYS A 105 20.63 2.83 23.29
CA LYS A 105 21.98 2.45 22.81
C LYS A 105 21.99 2.60 21.30
N ALA A 106 23.17 2.66 20.68
CA ALA A 106 23.31 2.84 19.22
C ALA A 106 23.16 1.47 18.54
N PHE A 107 21.93 0.96 18.51
CA PHE A 107 21.68 -0.40 18.00
C PHE A 107 22.01 -0.45 16.51
N ASP A 108 22.69 -1.51 16.07
CA ASP A 108 22.98 -1.76 14.64
C ASP A 108 21.73 -2.41 14.11
N ILE A 109 20.85 -1.62 13.53
CA ILE A 109 19.57 -2.14 13.00
C ILE A 109 19.88 -2.73 11.61
N THR A 110 20.17 -4.04 11.49
CA THR A 110 20.46 -4.74 10.24
C THR A 110 19.22 -4.84 9.35
N TYR A 111 18.08 -5.20 9.94
CA TYR A 111 16.84 -5.39 9.21
C TYR A 111 15.75 -4.55 9.84
N VAL A 112 15.00 -3.83 9.01
CA VAL A 112 13.88 -3.00 9.44
C VAL A 112 12.65 -3.42 8.67
N ARG A 113 11.55 -3.61 9.39
CA ARG A 113 10.27 -3.94 8.77
C ARG A 113 9.16 -3.18 9.48
N LEU A 114 8.43 -2.38 8.72
CA LEU A 114 7.34 -1.57 9.26
C LEU A 114 6.03 -2.08 8.70
N LYS A 115 5.44 -3.05 9.40
CA LYS A 115 4.14 -3.62 9.02
C LYS A 115 3.07 -2.55 9.22
N PHE A 116 2.48 -2.10 8.12
CA PHE A 116 1.45 -1.07 8.15
C PHE A 116 0.08 -1.71 8.39
N HIS A 117 -0.66 -1.19 9.35
CA HIS A 117 -1.97 -1.75 9.67
C HIS A 117 -3.01 -1.39 8.60
N THR A 118 -2.96 -0.17 8.09
CA THR A 118 -3.96 0.30 7.14
C THR A 118 -3.51 0.08 5.69
N SER A 119 -2.41 0.68 5.31
CA SER A 119 -1.90 0.58 3.95
C SER A 119 -0.56 1.32 3.87
N ARG A 120 0.21 1.01 2.84
CA ARG A 120 1.48 1.70 2.62
C ARG A 120 1.20 3.12 2.13
N PRO A 121 1.67 4.15 2.82
CA PRO A 121 1.43 5.51 2.33
C PRO A 121 2.21 5.78 1.05
N GLU A 122 1.59 6.55 0.15
CA GLU A 122 2.22 6.83 -1.13
C GLU A 122 3.52 7.61 -0.95
N SER A 123 3.53 8.57 -0.02
CA SER A 123 4.71 9.38 0.27
C SER A 123 5.04 9.28 1.75
N PHE A 124 6.29 9.00 2.06
CA PHE A 124 6.76 8.89 3.43
C PHE A 124 8.26 8.66 3.41
N ALA A 125 8.89 8.80 4.57
CA ALA A 125 10.33 8.66 4.68
C ALA A 125 10.68 8.18 6.07
N ILE A 126 12.00 8.02 6.30
CA ILE A 126 12.54 7.53 7.56
C ILE A 126 13.70 8.42 7.96
N TYR A 127 13.72 8.82 9.23
CA TYR A 127 14.76 9.70 9.76
C TYR A 127 15.42 9.04 10.97
N LYS A 128 16.75 9.03 10.97
CA LYS A 128 17.53 8.37 12.00
C LYS A 128 18.46 9.38 12.67
N ARG A 129 18.73 9.17 13.95
CA ARG A 129 19.50 10.11 14.75
C ARG A 129 20.94 9.61 14.88
N THR A 130 21.89 10.48 14.51
CA THR A 130 23.30 10.12 14.64
C THR A 130 23.75 10.14 16.11
N TRP A 131 23.38 11.20 16.84
CA TRP A 131 23.70 11.29 18.26
C TRP A 131 22.50 11.88 18.99
N GLU A 132 22.43 11.57 20.29
CA GLU A 132 21.27 11.95 21.09
C GLU A 132 21.07 13.45 21.05
N ASP A 133 19.81 13.87 20.90
CA ASP A 133 19.39 15.26 20.82
C ASP A 133 19.96 15.98 19.61
N GLY A 134 20.58 15.26 18.67
CA GLY A 134 21.15 15.87 17.50
C GLY A 134 20.18 15.90 16.34
N PRO A 135 20.67 16.24 15.16
CA PRO A 135 19.82 16.28 13.96
C PRO A 135 19.49 14.85 13.51
N TRP A 136 18.81 14.76 12.37
CA TRP A 136 18.36 13.49 11.83
C TRP A 136 19.07 13.21 10.51
N ILE A 137 19.53 11.96 10.36
CA ILE A 137 20.14 11.49 9.13
C ILE A 137 19.20 10.45 8.50
N PRO A 138 18.41 10.82 7.51
CA PRO A 138 17.51 9.83 6.89
C PRO A 138 18.28 8.74 6.18
N TYR A 139 17.75 7.52 6.23
CA TYR A 139 18.34 6.42 5.46
C TYR A 139 17.97 6.52 3.99
N GLN A 140 16.68 6.47 3.69
CA GLN A 140 16.22 6.53 2.30
C GLN A 140 14.81 7.11 2.26
N TYR A 141 14.45 7.62 1.08
CA TYR A 141 13.12 8.13 0.82
C TYR A 141 12.30 7.03 0.13
N TYR A 142 11.02 6.95 0.45
CA TYR A 142 10.14 5.91 -0.07
C TYR A 142 8.87 6.57 -0.59
N SER A 143 8.86 6.90 -1.88
CA SER A 143 7.71 7.48 -2.54
C SER A 143 7.80 7.17 -4.02
N GLY A 144 6.64 6.92 -4.63
CA GLY A 144 6.58 6.60 -6.05
C GLY A 144 6.64 7.79 -6.98
N SER A 145 6.54 9.00 -6.43
CA SER A 145 6.62 10.24 -7.21
C SER A 145 7.52 11.23 -6.49
N CYS A 146 8.64 10.74 -5.99
CA CYS A 146 9.52 11.57 -5.17
C CYS A 146 10.06 12.77 -5.95
N GLU A 147 10.03 12.73 -7.28
CA GLU A 147 10.53 13.85 -8.06
C GLU A 147 9.76 15.13 -7.76
N ASN A 148 8.54 15.04 -7.25
CA ASN A 148 7.78 16.20 -6.83
C ASN A 148 7.93 16.47 -5.34
N THR A 149 7.52 15.53 -4.50
CA THR A 149 7.56 15.75 -3.06
C THR A 149 9.00 15.90 -2.56
N TYR A 150 9.92 15.09 -3.08
CA TYR A 150 11.29 15.07 -2.61
C TYR A 150 12.26 15.70 -3.60
N SER A 151 11.87 15.87 -4.86
CA SER A 151 12.73 16.46 -5.88
C SER A 151 14.01 15.63 -6.06
N LYS A 152 13.81 14.35 -6.36
CA LYS A 152 14.92 13.43 -6.54
C LYS A 152 14.53 12.37 -7.54
N ALA A 153 15.54 11.72 -8.12
CA ALA A 153 15.30 10.71 -9.14
C ALA A 153 14.66 9.47 -8.53
N ASN A 154 13.74 8.87 -9.29
CA ASN A 154 13.08 7.64 -8.85
C ASN A 154 13.98 6.44 -9.12
N ARG A 155 13.59 5.30 -8.56
CA ARG A 155 14.35 4.06 -8.71
C ARG A 155 15.79 4.26 -8.25
N GLY A 156 15.94 4.56 -6.96
CA GLY A 156 17.23 4.89 -6.40
C GLY A 156 18.29 3.84 -6.67
N PHE A 157 19.45 4.28 -7.16
CA PHE A 157 20.55 3.37 -7.46
C PHE A 157 21.79 4.20 -7.75
N ILE A 158 22.93 3.52 -7.78
CA ILE A 158 24.20 4.17 -8.08
C ILE A 158 25.30 3.11 -8.22
N GLN A 165 24.23 5.36 -2.29
CA GLN A 165 24.60 5.56 -0.89
C GLN A 165 23.74 6.66 -0.25
N GLN A 166 23.27 7.59 -1.08
CA GLN A 166 22.45 8.68 -0.58
C GLN A 166 21.05 8.18 -0.23
N ALA A 167 20.31 9.02 0.50
CA ALA A 167 18.95 8.70 0.90
C ALA A 167 18.03 8.84 -0.32
N LEU A 168 18.22 7.93 -1.27
CA LEU A 168 17.50 7.98 -2.52
C LEU A 168 16.05 7.54 -2.33
N CYS A 169 15.25 7.74 -3.37
CA CYS A 169 13.84 7.38 -3.34
C CYS A 169 13.67 5.87 -3.42
N THR A 170 12.42 5.44 -3.53
CA THR A 170 12.07 4.05 -3.73
C THR A 170 10.66 3.98 -4.30
N ASP A 171 10.47 3.14 -5.32
CA ASP A 171 9.17 3.00 -5.98
C ASP A 171 8.76 1.55 -6.14
N GLU A 172 9.59 0.59 -5.71
CA GLU A 172 9.20 -0.81 -5.81
C GLU A 172 7.92 -1.07 -5.03
N PHE A 173 7.82 -0.53 -3.82
CA PHE A 173 6.63 -0.63 -2.98
C PHE A 173 6.32 0.77 -2.45
N SER A 174 5.61 1.55 -3.27
CA SER A 174 5.30 2.93 -2.94
C SER A 174 3.80 3.18 -2.84
N ASP A 175 3.03 2.82 -3.86
CA ASP A 175 1.60 3.07 -3.84
C ASP A 175 0.91 2.08 -2.91
N ILE A 176 -0.40 2.23 -2.77
CA ILE A 176 -1.18 1.35 -1.88
C ILE A 176 -1.51 0.11 -2.71
N SER A 177 -0.56 -0.82 -2.76
CA SER A 177 -0.75 -2.09 -3.44
C SER A 177 -1.51 -3.08 -2.56
N PRO A 178 -1.13 -3.25 -1.28
CA PRO A 178 -1.74 -4.33 -0.49
C PRO A 178 -3.14 -3.99 0.00
N LEU A 179 -3.35 -2.74 0.37
CA LEU A 179 -4.62 -2.22 0.89
C LEU A 179 -4.98 -2.80 2.25
N THR A 180 -4.17 -3.71 2.79
CA THR A 180 -4.45 -4.32 4.07
C THR A 180 -3.21 -5.05 4.59
N GLY A 181 -2.76 -4.71 5.79
CA GLY A 181 -1.55 -5.34 6.31
C GLY A 181 -0.35 -5.15 5.41
N GLY A 182 -0.13 -3.93 4.94
CA GLY A 182 0.95 -3.69 4.01
C GLY A 182 2.30 -4.08 4.60
N ASN A 183 3.21 -4.48 3.74
CA ASN A 183 4.54 -4.92 4.13
C ASN A 183 5.59 -4.06 3.44
N VAL A 184 6.59 -3.63 4.19
CA VAL A 184 7.68 -2.81 3.67
C VAL A 184 9.00 -3.44 4.08
N ALA A 185 9.90 -3.61 3.12
CA ALA A 185 11.20 -4.23 3.37
C ALA A 185 12.27 -3.15 3.36
N PHE A 186 12.47 -2.55 4.54
CA PHE A 186 13.50 -1.55 4.73
C PHE A 186 14.81 -2.23 5.10
N SER A 187 15.27 -3.06 4.16
CA SER A 187 16.51 -3.81 4.33
C SER A 187 17.67 -2.83 4.29
N THR A 188 18.21 -2.51 5.47
CA THR A 188 19.33 -1.59 5.53
C THR A 188 20.55 -2.16 4.81
N LEU A 189 20.83 -3.44 5.01
CA LEU A 189 22.00 -4.09 4.43
C LEU A 189 21.76 -4.68 3.05
N GLU A 190 20.55 -4.49 2.49
CA GLU A 190 20.23 -5.00 1.17
C GLU A 190 19.47 -3.95 0.38
N GLY A 191 19.51 -4.07 -0.94
CA GLY A 191 18.89 -3.10 -1.80
C GLY A 191 19.69 -1.84 -2.03
N ARG A 192 20.95 -1.84 -1.62
CA ARG A 192 21.84 -0.69 -1.75
C ARG A 192 23.16 -1.14 -2.36
N PRO A 193 23.87 -0.24 -3.02
CA PRO A 193 25.18 -0.62 -3.58
C PRO A 193 26.13 -1.20 -2.55
N SER A 194 26.11 -0.68 -1.33
CA SER A 194 26.96 -1.16 -0.26
C SER A 194 26.31 -2.26 0.57
N ALA A 195 25.38 -3.00 -0.03
CA ALA A 195 24.65 -4.02 0.72
C ALA A 195 25.58 -5.11 1.25
N TYR A 196 26.52 -5.57 0.43
CA TYR A 196 27.32 -6.74 0.76
C TYR A 196 28.67 -6.42 1.37
N ASN A 197 29.01 -5.14 1.53
CA ASN A 197 30.27 -4.72 2.15
C ASN A 197 29.99 -4.10 3.52
N PHE A 198 29.00 -4.65 4.21
CA PHE A 198 28.61 -4.10 5.51
C PHE A 198 29.75 -4.16 6.52
N ASP A 199 30.46 -5.28 6.55
CA ASP A 199 31.51 -5.48 7.54
C ASP A 199 32.81 -4.73 7.22
N ASN A 200 32.90 -4.12 6.03
CA ASN A 200 34.10 -3.41 5.62
C ASN A 200 33.76 -2.10 4.92
N SER A 201 32.68 -1.45 5.34
CA SER A 201 32.28 -0.16 4.82
C SER A 201 32.16 0.83 5.98
N PRO A 202 33.20 1.66 6.20
CA PRO A 202 33.15 2.56 7.36
C PRO A 202 31.95 3.48 7.36
N VAL A 203 31.56 4.00 6.20
CA VAL A 203 30.38 4.86 6.14
C VAL A 203 29.12 4.06 6.48
N LEU A 204 29.00 2.86 5.92
CA LEU A 204 27.81 2.06 6.17
C LEU A 204 27.69 1.66 7.62
N GLN A 205 28.81 1.32 8.26
CA GLN A 205 28.78 1.04 9.70
C GLN A 205 28.20 2.23 10.46
N GLU A 206 28.62 3.44 10.11
CA GLU A 206 27.99 4.63 10.69
C GLU A 206 26.57 4.80 10.20
N TRP A 207 26.28 4.38 8.97
CA TRP A 207 24.93 4.49 8.44
C TRP A 207 23.96 3.62 9.23
N VAL A 208 24.28 2.33 9.37
CA VAL A 208 23.32 1.38 9.95
C VAL A 208 23.01 1.76 11.39
N THR A 209 24.04 2.10 12.18
CA THR A 209 23.81 2.44 13.57
C THR A 209 22.99 3.72 13.66
N ALA A 210 21.95 3.68 14.48
CA ALA A 210 21.06 4.82 14.64
C ALA A 210 20.71 4.95 16.12
N THR A 211 21.10 6.08 16.72
CA THR A 211 20.84 6.29 18.13
C THR A 211 19.34 6.33 18.41
N ASP A 212 18.57 6.98 17.54
CA ASP A 212 17.13 7.10 17.72
C ASP A 212 16.44 6.97 16.38
N ILE A 213 15.62 5.91 16.26
CA ILE A 213 14.85 5.63 15.05
C ILE A 213 13.69 6.61 15.00
N SER A 214 13.33 7.05 13.80
CA SER A 214 12.20 7.94 13.61
C SER A 214 11.71 7.88 12.18
N VAL A 215 10.52 7.32 12.01
CA VAL A 215 9.89 7.22 10.69
C VAL A 215 9.28 8.58 10.38
N THR A 216 9.74 9.19 9.29
CA THR A 216 9.27 10.51 8.87
C THR A 216 8.15 10.32 7.87
N LEU A 217 6.91 10.44 8.37
CA LEU A 217 5.72 10.36 7.54
C LEU A 217 5.41 11.79 7.11
N ASN A 218 6.32 12.35 6.30
CA ASN A 218 6.35 13.80 6.08
C ASN A 218 5.06 14.28 5.42
N ARG A 219 4.54 13.52 4.46
CA ARG A 219 3.33 13.94 3.77
C ARG A 219 2.77 12.78 2.97
N LEU A 220 1.44 12.76 2.85
CA LEU A 220 0.73 11.86 1.95
C LEU A 220 0.22 12.67 0.78
N ASN A 221 0.76 12.41 -0.41
CA ASN A 221 0.43 13.20 -1.60
C ASN A 221 -1.05 12.98 -1.92
N THR A 222 -1.86 14.01 -1.66
CA THR A 222 -3.28 13.93 -1.91
C THR A 222 -3.57 13.83 -3.41
N PHE A 223 -4.68 13.17 -3.74
CA PHE A 223 -5.12 12.99 -5.12
C PHE A 223 -6.21 13.98 -5.50
N GLY A 224 -6.23 15.16 -4.86
CA GLY A 224 -7.21 16.16 -5.17
C GLY A 224 -8.59 15.91 -4.59
N ASP A 225 -8.73 14.91 -3.71
CA ASP A 225 -10.02 14.61 -3.11
C ASP A 225 -10.44 15.63 -2.06
N GLU A 226 -9.54 16.55 -1.68
CA GLU A 226 -9.86 17.49 -0.60
C GLU A 226 -11.05 18.37 -0.95
N VAL A 227 -11.14 18.81 -2.20
CA VAL A 227 -12.27 19.64 -2.61
C VAL A 227 -13.58 18.90 -2.38
N PHE A 228 -13.59 17.59 -2.65
CA PHE A 228 -14.78 16.79 -2.35
C PHE A 228 -15.07 16.81 -0.86
N ASN A 229 -14.03 16.72 -0.03
CA ASN A 229 -14.14 16.90 1.41
C ASN A 229 -15.15 15.92 2.03
N ARG A 230 -15.16 14.67 1.56
CA ARG A 230 -15.98 13.68 2.21
C ARG A 230 -15.46 13.44 3.62
N PRO A 231 -16.34 13.42 4.63
CA PRO A 231 -15.84 13.22 6.00
C PRO A 231 -15.09 11.92 6.19
N LYS A 232 -15.51 10.86 5.50
CA LYS A 232 -14.88 9.55 5.69
C LYS A 232 -13.51 9.49 5.01
N VAL A 233 -13.41 9.97 3.77
CA VAL A 233 -12.18 9.81 3.01
C VAL A 233 -11.04 10.53 3.70
N LEU A 234 -11.27 11.74 4.19
CA LEU A 234 -10.22 12.46 4.90
C LEU A 234 -9.76 11.69 6.12
N LYS A 235 -10.71 11.05 6.83
CA LYS A 235 -10.38 10.19 7.95
C LYS A 235 -9.70 8.90 7.52
N SER A 236 -9.64 8.62 6.23
CA SER A 236 -9.07 7.38 5.72
C SER A 236 -7.64 7.53 5.23
N TYR A 237 -7.31 8.64 4.57
CA TYR A 237 -5.97 8.85 4.03
C TYR A 237 -5.04 9.25 5.18
N TYR A 238 -4.82 8.29 6.09
CA TYR A 238 -4.00 8.51 7.26
C TYR A 238 -2.91 7.45 7.29
N TYR A 239 -2.15 7.41 8.38
CA TYR A 239 -1.03 6.50 8.53
C TYR A 239 -1.32 5.53 9.66
N ALA A 240 -0.78 4.31 9.55
CA ALA A 240 -0.98 3.31 10.59
C ALA A 240 0.19 2.35 10.56
N ILE A 241 1.06 2.43 11.56
CA ILE A 241 2.18 1.50 11.73
C ILE A 241 1.70 0.40 12.66
N SER A 242 1.46 -0.79 12.09
CA SER A 242 0.99 -1.90 12.92
C SER A 242 2.04 -2.31 13.93
N ASP A 243 3.31 -2.35 13.53
CA ASP A 243 4.38 -2.73 14.43
C ASP A 243 5.72 -2.40 13.81
N PHE A 244 6.64 -1.92 14.65
CA PHE A 244 8.04 -1.73 14.25
C PHE A 244 8.73 -3.09 14.32
N ALA A 245 8.54 -3.89 13.27
CA ALA A 245 9.23 -5.17 13.17
C ALA A 245 10.69 -4.92 12.82
N VAL A 246 11.38 -4.29 13.78
CA VAL A 246 12.75 -3.82 13.59
C VAL A 246 13.64 -4.55 14.59
N GLY A 247 14.76 -5.08 14.08
CA GLY A 247 15.72 -5.75 14.93
C GLY A 247 17.08 -5.10 14.92
N GLY A 248 17.82 -5.27 16.03
CA GLY A 248 19.09 -4.57 16.22
C GLY A 248 19.77 -4.98 17.50
N ARG A 249 20.92 -4.39 17.83
CA ARG A 249 21.75 -4.84 18.97
C ARG A 249 22.77 -3.81 19.36
N CYS A 250 23.33 -3.92 20.55
CA CYS A 250 24.44 -3.03 20.92
C CYS A 250 25.62 -3.36 20.01
N LYS A 251 26.13 -2.37 19.28
CA LYS A 251 27.34 -2.52 18.44
C LYS A 251 28.52 -2.18 19.36
N CYS A 252 28.86 -3.07 20.31
CA CYS A 252 30.01 -2.88 21.26
C CYS A 252 30.89 -4.14 21.16
N ASN A 253 31.05 -4.67 19.95
CA ASN A 253 31.90 -5.86 19.71
C ASN A 253 31.30 -6.90 20.61
N GLY A 254 30.01 -6.78 20.89
CA GLY A 254 29.32 -7.80 21.69
C GLY A 254 30.18 -8.15 22.87
N HIS A 255 30.66 -7.15 23.60
CA HIS A 255 31.38 -7.41 24.88
C HIS A 255 30.29 -8.04 25.72
N ALA A 256 29.05 -7.97 25.22
CA ALA A 256 27.90 -8.54 25.91
C ALA A 256 26.94 -9.16 24.88
N SER A 257 26.64 -10.44 25.07
CA SER A 257 25.63 -11.07 24.24
C SER A 257 24.28 -10.36 24.40
N GLU A 258 24.10 -9.71 25.55
CA GLU A 258 22.90 -8.86 25.79
C GLU A 258 23.38 -7.69 26.63
N CYS A 259 23.06 -6.45 26.25
CA CYS A 259 23.58 -5.27 26.98
C CYS A 259 23.08 -5.50 28.38
N MET A 260 23.99 -5.87 29.25
CA MET A 260 23.55 -6.03 30.63
C MET A 260 23.46 -4.57 31.02
N LYS A 261 22.26 -4.12 31.38
CA LYS A 261 22.05 -2.78 31.88
C LYS A 261 23.00 -2.47 33.03
N ASN A 262 23.25 -1.19 33.25
CA ASN A 262 24.09 -0.75 34.36
C ASN A 262 23.23 -0.36 35.56
N GLU A 263 23.86 0.22 36.58
CA GLU A 263 23.16 0.49 37.83
C GLU A 263 22.03 1.50 37.63
N PHE A 264 22.24 2.51 36.81
CA PHE A 264 21.29 3.61 36.68
C PHE A 264 20.02 3.25 35.91
N ASP A 265 19.76 1.97 35.62
CA ASP A 265 18.51 1.54 34.99
C ASP A 265 18.37 2.13 33.59
N LYS A 266 19.35 1.82 32.75
CA LYS A 266 19.36 2.22 31.36
C LYS A 266 20.00 1.12 30.53
N LEU A 267 20.29 1.30 29.23
CA LEU A 267 21.07 0.28 28.44
C LEU A 267 22.38 0.89 27.90
N VAL A 268 23.55 0.48 28.40
CA VAL A 268 24.87 0.91 27.88
C VAL A 268 25.62 -0.43 27.76
N CYS A 269 26.72 -0.56 26.99
CA CYS A 269 27.38 -1.88 26.67
C CYS A 269 28.46 -2.35 27.62
N ASN A 270 28.76 -3.65 27.63
CA ASN A 270 29.88 -4.22 28.43
C ASN A 270 31.18 -3.89 27.71
N CYS A 271 32.39 -4.09 28.29
CA CYS A 271 33.58 -3.63 27.58
C CYS A 271 34.81 -4.17 28.28
N LYS A 272 35.92 -4.17 27.56
CA LYS A 272 37.20 -4.63 28.09
C LYS A 272 38.09 -3.44 28.44
N HIS A 273 39.33 -3.73 28.81
CA HIS A 273 40.31 -2.70 29.15
C HIS A 273 39.80 -1.80 30.27
N ASN A 274 39.17 -2.42 31.27
CA ASN A 274 38.68 -1.70 32.46
C ASN A 274 37.71 -0.58 32.07
N THR A 275 36.89 -0.84 31.05
CA THR A 275 35.88 0.10 30.57
C THR A 275 34.51 -0.57 30.66
N TYR A 276 33.48 0.19 30.27
CA TYR A 276 32.10 -0.30 30.32
C TYR A 276 31.40 -0.11 28.98
N LEU B 1 -15.49 -1.97 -7.95
CA LEU B 1 -15.70 -1.98 -6.47
C LEU B 1 -17.17 -1.73 -6.14
N GLY B 2 -17.72 -2.54 -5.25
CA GLY B 2 -19.10 -2.39 -4.87
C GLY B 2 -20.08 -2.48 -6.01
N ARG B 3 -19.74 -3.21 -7.07
CA ARG B 3 -20.62 -3.33 -8.23
C ARG B 3 -20.27 -4.59 -8.98
N LYS B 4 -21.08 -4.90 -9.99
CA LYS B 4 -20.89 -6.13 -10.76
C LYS B 4 -19.71 -6.01 -11.71
N LEU B 5 -18.92 -7.07 -11.81
CA LEU B 5 -17.78 -7.17 -12.71
C LEU B 5 -17.96 -8.43 -13.54
N ARG B 6 -18.66 -8.32 -14.66
CA ARG B 6 -18.96 -9.47 -15.49
C ARG B 6 -17.68 -10.03 -16.11
N ALA B 7 -17.67 -11.34 -16.33
CA ALA B 7 -16.53 -12.02 -16.94
C ALA B 7 -17.01 -13.35 -17.51
N ASP B 8 -16.06 -14.23 -17.83
CA ASP B 8 -16.39 -15.54 -18.34
C ASP B 8 -16.92 -16.43 -17.21
N THR B 9 -17.13 -17.71 -17.52
CA THR B 9 -17.66 -18.64 -16.53
C THR B 9 -16.63 -18.87 -15.42
N MET B 10 -17.12 -19.25 -14.25
CA MET B 10 -16.25 -19.54 -13.13
C MET B 10 -15.61 -20.92 -13.29
N CYS B 11 -14.84 -21.32 -12.29
CA CYS B 11 -14.02 -22.52 -12.38
C CYS B 11 -14.87 -23.78 -12.40
N GLY B 12 -14.26 -24.86 -12.93
CA GLY B 12 -14.80 -26.20 -12.83
C GLY B 12 -16.14 -26.44 -13.47
N GLN B 13 -16.73 -25.44 -14.12
CA GLN B 13 -18.06 -25.61 -14.71
C GLN B 13 -18.05 -26.66 -15.82
N ASN B 14 -17.11 -26.55 -16.75
CA ASN B 14 -17.01 -27.49 -17.85
C ASN B 14 -16.15 -28.70 -17.53
N ALA B 15 -15.61 -28.78 -16.31
CA ALA B 15 -14.81 -29.92 -15.89
C ALA B 15 -14.86 -30.03 -14.38
N THR B 16 -15.52 -31.07 -13.89
CA THR B 16 -15.64 -31.32 -12.46
C THR B 16 -14.31 -31.87 -11.93
N GLU B 17 -13.31 -31.01 -11.98
CA GLU B 17 -11.93 -31.36 -11.66
C GLU B 17 -11.53 -30.69 -10.34
N LEU B 18 -10.77 -31.42 -9.53
CA LEU B 18 -10.30 -30.87 -8.27
C LEU B 18 -9.39 -29.67 -8.50
N PHE B 19 -9.50 -28.68 -7.63
CA PHE B 19 -8.62 -27.52 -7.64
C PHE B 19 -8.06 -27.34 -6.25
N CYS B 20 -6.87 -26.76 -6.18
CA CYS B 20 -6.17 -26.61 -4.91
C CYS B 20 -5.37 -25.32 -4.93
N PHE B 21 -5.07 -24.80 -3.74
CA PHE B 21 -4.28 -23.58 -3.60
C PHE B 21 -2.88 -23.94 -3.15
N TYR B 22 -1.88 -23.60 -3.96
CA TYR B 22 -0.47 -23.84 -3.63
C TYR B 22 0.13 -22.61 -2.96
N SER B 23 -0.54 -22.17 -1.89
CA SER B 23 -0.15 -20.96 -1.17
C SER B 23 1.28 -21.13 -0.65
N GLU B 24 1.88 -20.03 -0.19
CA GLU B 24 3.25 -20.01 0.26
C GLU B 24 3.34 -19.48 1.68
N ASN B 25 4.29 -20.01 2.44
CA ASN B 25 4.52 -19.59 3.81
C ASN B 25 5.32 -18.30 3.85
N ALA B 26 5.46 -17.75 5.06
CA ALA B 26 6.26 -16.54 5.23
C ALA B 26 7.73 -16.78 4.89
N ASP B 27 8.16 -18.04 4.90
CA ASP B 27 9.53 -18.40 4.55
C ASP B 27 9.73 -18.58 3.05
N LEU B 28 8.81 -18.05 2.23
CA LEU B 28 8.92 -18.15 0.78
C LEU B 28 8.95 -19.61 0.33
N THR B 29 8.31 -20.47 1.12
CA THR B 29 8.22 -21.90 0.80
C THR B 29 6.75 -22.28 0.68
N CYS B 30 6.44 -23.03 -0.36
CA CYS B 30 5.06 -23.43 -0.61
C CYS B 30 4.58 -24.41 0.45
N ARG B 31 3.27 -24.40 0.68
CA ARG B 31 2.64 -25.29 1.66
C ARG B 31 1.80 -26.33 0.93
N GLN B 32 1.40 -27.35 1.68
CA GLN B 32 0.61 -28.43 1.09
C GLN B 32 -0.67 -27.86 0.51
N PRO B 33 -1.11 -28.32 -0.66
CA PRO B 33 -2.34 -27.75 -1.25
C PRO B 33 -3.53 -27.87 -0.33
N LYS B 34 -4.32 -26.80 -0.28
CA LYS B 34 -5.56 -26.79 0.48
C LYS B 34 -6.69 -27.13 -0.48
N CYS B 35 -6.71 -28.39 -0.91
CA CYS B 35 -7.60 -28.82 -1.96
C CYS B 35 -9.06 -28.66 -1.54
N ASP B 36 -9.86 -28.11 -2.46
CA ASP B 36 -11.29 -27.91 -2.26
C ASP B 36 -12.01 -28.37 -3.52
N LYS B 37 -13.29 -28.02 -3.62
CA LYS B 37 -14.11 -28.38 -4.77
C LYS B 37 -14.78 -27.14 -5.33
N CYS B 38 -14.67 -26.94 -6.64
CA CYS B 38 -15.33 -25.85 -7.35
C CYS B 38 -16.58 -26.38 -8.04
N ASN B 39 -17.70 -25.69 -7.85
CA ASN B 39 -18.96 -26.09 -8.44
C ASN B 39 -19.87 -24.86 -8.50
N ALA B 40 -21.16 -25.10 -8.73
CA ALA B 40 -22.17 -24.06 -8.77
C ALA B 40 -23.41 -24.47 -7.99
N ALA B 41 -23.22 -25.21 -6.90
CA ALA B 41 -24.33 -25.72 -6.10
C ALA B 41 -24.66 -24.80 -4.93
N HIS B 42 -23.69 -24.58 -4.06
CA HIS B 42 -23.87 -23.75 -2.86
C HIS B 42 -22.82 -22.65 -2.84
N SER B 43 -23.14 -21.58 -2.12
CA SER B 43 -22.24 -20.43 -2.05
C SER B 43 -20.83 -20.85 -1.67
N HIS B 44 -20.71 -21.72 -0.65
CA HIS B 44 -19.39 -22.24 -0.31
C HIS B 44 -18.78 -23.03 -1.46
N LEU B 45 -19.58 -23.83 -2.16
CA LEU B 45 -19.10 -24.54 -3.34
C LEU B 45 -19.34 -23.79 -4.64
N ALA B 46 -19.98 -22.61 -4.58
CA ALA B 46 -20.26 -21.80 -5.74
C ALA B 46 -19.75 -20.38 -5.51
N HIS B 47 -18.73 -20.00 -6.26
CA HIS B 47 -18.06 -18.70 -6.09
C HIS B 47 -18.02 -17.99 -7.44
N PRO B 48 -19.12 -17.32 -7.81
CA PRO B 48 -19.13 -16.57 -9.07
C PRO B 48 -18.12 -15.43 -9.03
N PRO B 49 -17.96 -14.71 -10.14
CA PRO B 49 -16.99 -13.59 -10.14
C PRO B 49 -17.37 -12.48 -9.16
N SER B 50 -18.64 -12.40 -8.78
CA SER B 50 -19.08 -11.30 -7.92
C SER B 50 -18.45 -11.35 -6.54
N ALA B 51 -17.81 -12.46 -6.17
CA ALA B 51 -17.24 -12.58 -4.83
C ALA B 51 -16.21 -11.50 -4.58
N MET B 52 -15.34 -11.24 -5.55
CA MET B 52 -14.31 -10.21 -5.35
C MET B 52 -14.94 -8.84 -5.14
N ALA B 53 -15.90 -8.47 -6.00
CA ALA B 53 -16.51 -7.15 -5.95
C ALA B 53 -17.86 -7.21 -5.22
N ASP B 54 -17.79 -7.27 -3.90
CA ASP B 54 -18.97 -7.25 -3.05
C ASP B 54 -18.55 -6.90 -1.64
N SER B 55 -19.54 -6.58 -0.81
CA SER B 55 -19.23 -6.17 0.56
C SER B 55 -18.45 -7.25 1.27
N SER B 56 -17.17 -6.95 1.56
CA SER B 56 -16.27 -7.89 2.21
C SER B 56 -16.21 -7.57 3.70
N PHE B 57 -17.32 -7.83 4.38
CA PHE B 57 -17.44 -7.59 5.82
C PHE B 57 -17.04 -8.80 6.65
N ARG B 58 -16.60 -9.89 6.02
CA ARG B 58 -16.29 -11.12 6.73
C ARG B 58 -14.78 -11.38 6.72
N PHE B 59 -14.31 -12.03 7.78
CA PHE B 59 -12.89 -12.34 7.89
C PHE B 59 -12.38 -13.18 6.73
N PRO B 60 -13.03 -14.28 6.35
CA PRO B 60 -12.57 -15.03 5.17
C PRO B 60 -12.61 -14.15 3.92
N ARG B 61 -11.62 -14.35 3.05
CA ARG B 61 -11.47 -13.52 1.86
C ARG B 61 -11.97 -14.28 0.63
N THR B 62 -12.45 -13.55 -0.35
CA THR B 62 -13.04 -14.11 -1.55
C THR B 62 -11.97 -14.41 -2.60
N TRP B 63 -11.95 -15.65 -3.08
CA TRP B 63 -10.97 -16.09 -4.06
C TRP B 63 -11.57 -16.04 -5.45
N TRP B 64 -10.71 -16.14 -6.46
CA TRP B 64 -11.14 -16.07 -7.85
C TRP B 64 -9.98 -16.48 -8.75
N GLN B 65 -10.32 -16.84 -9.98
CA GLN B 65 -9.33 -17.23 -10.98
C GLN B 65 -9.96 -17.13 -12.36
N SER B 66 -9.29 -17.69 -13.36
CA SER B 66 -9.80 -17.69 -14.72
C SER B 66 -10.97 -18.68 -14.82
N ALA B 67 -11.47 -18.86 -16.04
CA ALA B 67 -12.64 -19.71 -16.24
C ALA B 67 -12.26 -21.19 -16.26
N GLU B 68 -11.50 -21.60 -17.29
CA GLU B 68 -11.04 -22.99 -17.39
C GLU B 68 -9.70 -22.98 -18.14
N ASP B 69 -8.61 -22.90 -17.39
CA ASP B 69 -7.26 -22.93 -17.95
C ASP B 69 -7.18 -22.16 -19.26
N VAL B 70 -7.73 -20.95 -19.29
CA VAL B 70 -7.81 -20.15 -20.51
C VAL B 70 -6.91 -18.94 -20.35
N HIS B 71 -6.02 -18.74 -21.33
CA HIS B 71 -5.07 -17.64 -21.25
C HIS B 71 -5.75 -16.29 -21.47
N ARG B 72 -6.62 -16.21 -22.48
CA ARG B 72 -7.28 -14.95 -22.85
C ARG B 72 -8.51 -14.76 -21.98
N GLU B 73 -8.28 -14.43 -20.71
CA GLU B 73 -9.33 -14.17 -19.75
C GLU B 73 -9.45 -12.68 -19.52
N LYS B 74 -10.68 -12.17 -19.61
CA LYS B 74 -10.95 -10.74 -19.49
C LYS B 74 -12.04 -10.51 -18.45
N ILE B 75 -12.02 -9.33 -17.85
CA ILE B 75 -12.97 -8.94 -16.82
C ILE B 75 -13.76 -7.75 -17.32
N GLN B 76 -15.08 -7.87 -17.32
CA GLN B 76 -15.98 -6.81 -17.75
C GLN B 76 -16.55 -6.12 -16.52
N LEU B 77 -16.52 -4.79 -16.52
CA LEU B 77 -16.92 -3.99 -15.37
C LEU B 77 -17.88 -2.91 -15.87
N ASP B 78 -19.17 -3.25 -15.91
CA ASP B 78 -20.18 -2.34 -16.43
C ASP B 78 -20.38 -1.15 -15.50
N LEU B 79 -20.73 -0.01 -16.09
CA LEU B 79 -20.98 1.22 -15.36
C LEU B 79 -22.35 1.77 -15.73
N GLU B 80 -23.03 2.34 -14.74
CA GLU B 80 -24.28 3.05 -14.95
C GLU B 80 -24.09 4.54 -15.12
N ALA B 81 -22.85 5.03 -15.10
CA ALA B 81 -22.56 6.45 -15.27
C ALA B 81 -21.06 6.64 -15.42
N GLU B 82 -20.65 7.90 -15.52
CA GLU B 82 -19.24 8.23 -15.60
C GLU B 82 -18.57 8.03 -14.24
N PHE B 83 -17.26 7.77 -14.27
CA PHE B 83 -16.50 7.48 -13.07
C PHE B 83 -15.15 8.19 -13.14
N TYR B 84 -14.42 8.14 -12.03
CA TYR B 84 -13.12 8.79 -11.89
C TYR B 84 -12.15 7.86 -11.19
N PHE B 85 -10.88 7.93 -11.60
CA PHE B 85 -9.82 7.11 -11.02
C PHE B 85 -8.65 7.97 -10.56
N THR B 86 -7.90 7.45 -9.60
CA THR B 86 -6.78 8.17 -9.02
C THR B 86 -5.42 7.71 -9.57
N HIS B 87 -5.10 6.43 -9.45
CA HIS B 87 -3.82 5.90 -9.91
C HIS B 87 -4.03 4.43 -10.25
N LEU B 88 -2.94 3.75 -10.62
CA LEU B 88 -2.98 2.36 -11.04
C LEU B 88 -2.52 1.47 -9.90
N ILE B 89 -3.25 0.37 -9.68
CA ILE B 89 -2.89 -0.61 -8.66
C ILE B 89 -2.93 -1.99 -9.29
N MET B 90 -2.23 -2.93 -8.67
CA MET B 90 -2.13 -4.29 -9.19
C MET B 90 -1.82 -5.24 -8.05
N VAL B 91 -2.80 -6.07 -7.69
CA VAL B 91 -2.62 -7.14 -6.71
C VAL B 91 -2.94 -8.45 -7.41
N PHE B 92 -2.04 -9.42 -7.30
CA PHE B 92 -2.17 -10.66 -8.06
C PHE B 92 -1.47 -11.76 -7.28
N LYS B 93 -2.23 -12.56 -6.53
CA LYS B 93 -1.64 -13.56 -5.65
C LYS B 93 -0.79 -14.55 -6.43
N SER B 94 -1.25 -14.96 -7.61
CA SER B 94 -0.45 -15.80 -8.46
C SER B 94 0.77 -15.01 -8.95
N PRO B 95 1.82 -15.69 -9.39
CA PRO B 95 3.03 -14.97 -9.84
C PRO B 95 2.67 -13.97 -10.93
N ARG B 96 3.10 -12.73 -10.72
CA ARG B 96 2.76 -11.66 -11.65
C ARG B 96 3.54 -11.84 -12.94
N PRO B 97 2.89 -12.05 -14.07
CA PRO B 97 3.65 -12.18 -15.33
C PRO B 97 4.03 -10.83 -15.89
N ALA B 98 5.10 -10.83 -16.69
CA ALA B 98 5.52 -9.62 -17.39
C ALA B 98 4.48 -9.16 -18.40
N ALA B 99 3.65 -10.07 -18.90
CA ALA B 99 2.64 -9.72 -19.90
C ALA B 99 1.40 -9.17 -19.19
N MET B 100 1.58 -8.00 -18.60
CA MET B 100 0.52 -7.28 -17.92
C MET B 100 0.25 -5.99 -18.68
N VAL B 101 -1.03 -5.66 -18.86
CA VAL B 101 -1.44 -4.48 -19.60
C VAL B 101 -2.58 -3.82 -18.85
N LEU B 102 -2.50 -2.50 -18.69
CA LEU B 102 -3.57 -1.70 -18.10
C LEU B 102 -4.19 -0.84 -19.19
N ASP B 103 -5.51 -0.92 -19.31
CA ASP B 103 -6.24 -0.26 -20.40
C ASP B 103 -7.42 0.53 -19.85
N ARG B 104 -7.72 1.65 -20.50
CA ARG B 104 -8.81 2.53 -20.11
C ARG B 104 -9.76 2.70 -21.28
N SER B 105 -11.06 2.73 -20.96
CA SER B 105 -12.12 2.91 -21.94
C SER B 105 -12.76 4.27 -21.72
N GLN B 106 -13.13 4.92 -22.83
CA GLN B 106 -13.61 6.30 -22.75
C GLN B 106 -15.09 6.37 -22.41
N ASP B 107 -15.95 5.83 -23.27
CA ASP B 107 -17.39 5.99 -23.08
C ASP B 107 -18.09 4.72 -23.57
N PHE B 108 -18.90 4.14 -22.68
CA PHE B 108 -19.78 3.02 -23.03
C PHE B 108 -19.02 1.90 -23.73
N GLY B 109 -17.80 1.62 -23.29
CA GLY B 109 -17.03 0.53 -23.87
C GLY B 109 -16.83 0.65 -25.36
N LYS B 110 -16.80 1.87 -25.88
CA LYS B 110 -16.67 2.12 -27.31
C LYS B 110 -15.25 2.53 -27.70
N THR B 111 -14.27 2.38 -26.80
CA THR B 111 -12.90 2.76 -27.07
C THR B 111 -11.96 1.78 -26.40
N TRP B 112 -10.73 1.69 -26.91
CA TRP B 112 -9.73 0.76 -26.41
C TRP B 112 -8.35 1.31 -26.75
N LYS B 113 -7.38 1.06 -25.88
CA LYS B 113 -6.01 1.49 -26.13
C LYS B 113 -5.12 0.90 -25.03
N PRO B 114 -3.83 0.69 -25.33
CA PRO B 114 -2.88 0.25 -24.30
C PRO B 114 -2.47 1.41 -23.40
N TYR B 115 -3.34 1.73 -22.44
CA TYR B 115 -3.14 2.90 -21.60
C TYR B 115 -1.78 2.86 -20.91
N LYS B 116 -1.57 1.85 -20.07
CA LYS B 116 -0.28 1.66 -19.41
C LYS B 116 0.04 0.17 -19.34
N TYR B 117 1.32 -0.13 -19.47
CA TYR B 117 1.81 -1.50 -19.36
C TYR B 117 3.32 -1.51 -19.14
N PHE B 118 3.76 -2.11 -18.04
CA PHE B 118 5.17 -2.10 -17.66
C PHE B 118 5.60 -3.49 -17.23
N ALA B 119 6.84 -3.84 -17.53
CA ALA B 119 7.42 -5.13 -17.14
C ALA B 119 8.88 -5.14 -17.54
N THR B 120 9.60 -6.16 -17.07
CA THR B 120 11.02 -6.29 -17.41
C THR B 120 11.19 -6.46 -18.92
N ASN B 121 10.35 -7.27 -19.54
CA ASN B 121 10.30 -7.42 -21.00
C ASN B 121 8.87 -7.07 -21.42
N CYS B 122 8.61 -5.78 -21.61
CA CYS B 122 7.27 -5.34 -21.95
C CYS B 122 6.84 -5.82 -23.33
N SER B 123 7.77 -6.34 -24.13
CA SER B 123 7.40 -6.98 -25.38
C SER B 123 6.47 -8.15 -25.15
N ALA B 124 6.48 -8.73 -23.95
CA ALA B 124 5.59 -9.83 -23.64
C ALA B 124 4.13 -9.48 -23.89
N THR B 125 3.74 -8.22 -23.65
CA THR B 125 2.37 -7.81 -23.93
C THR B 125 2.04 -7.98 -25.40
N PHE B 126 2.97 -7.63 -26.27
CA PHE B 126 2.79 -7.82 -27.70
C PHE B 126 3.34 -9.17 -28.13
N LYS B 134 10.75 7.57 -24.65
CA LYS B 134 10.78 8.12 -23.29
C LYS B 134 10.96 7.01 -22.26
N LYS B 135 10.31 5.87 -22.50
CA LYS B 135 10.36 4.74 -21.58
C LYS B 135 9.99 5.15 -20.15
N GLY B 136 8.93 5.95 -20.04
CA GLY B 136 8.41 6.34 -18.75
C GLY B 136 6.95 5.98 -18.57
N ALA B 137 6.22 5.88 -19.68
CA ALA B 137 4.80 5.55 -19.65
C ALA B 137 4.44 4.38 -20.55
N ILE B 138 5.09 4.26 -21.72
CA ILE B 138 4.76 3.17 -22.63
C ILE B 138 5.07 1.82 -21.98
N CYS B 139 6.27 1.68 -21.42
CA CYS B 139 6.63 0.50 -20.63
C CYS B 139 8.00 0.74 -20.03
N THR B 140 8.22 0.17 -18.84
CA THR B 140 9.47 0.32 -18.13
C THR B 140 9.88 -1.02 -17.54
N SER B 141 11.19 -1.21 -17.39
CA SER B 141 11.75 -2.47 -16.92
C SER B 141 11.99 -2.42 -15.41
N ARG B 142 12.36 -3.57 -14.85
CA ARG B 142 12.64 -3.69 -13.42
C ARG B 142 11.41 -3.38 -12.57
N TYR B 143 10.23 -3.72 -13.08
CA TYR B 143 8.98 -3.47 -12.39
C TYR B 143 8.11 -4.70 -12.24
N SER B 144 8.38 -5.76 -13.02
CA SER B 144 7.64 -7.01 -12.94
C SER B 144 8.62 -8.16 -12.81
N ASN B 145 8.28 -9.13 -11.96
CA ASN B 145 9.12 -10.30 -11.76
C ASN B 145 8.25 -11.54 -11.74
N PRO B 146 8.78 -12.69 -12.21
CA PRO B 146 7.99 -13.93 -12.13
C PRO B 146 7.61 -14.31 -10.70
N PHE B 147 8.50 -14.07 -9.75
CA PHE B 147 8.31 -14.43 -8.35
C PHE B 147 8.77 -13.28 -7.47
N PRO B 148 8.32 -13.23 -6.21
CA PRO B 148 7.41 -14.16 -5.54
C PRO B 148 5.96 -14.03 -5.97
N CYS B 149 5.16 -15.07 -5.71
CA CYS B 149 3.75 -15.02 -6.05
C CYS B 149 2.93 -14.43 -4.91
N THR B 150 3.01 -15.03 -3.72
CA THR B 150 2.27 -14.56 -2.57
C THR B 150 3.05 -14.84 -1.29
N VAL B 154 3.19 -5.19 -9.83
CA VAL B 154 3.49 -3.96 -10.55
C VAL B 154 2.83 -2.78 -9.84
N ILE B 155 3.59 -1.70 -9.66
CA ILE B 155 3.11 -0.52 -8.96
C ILE B 155 3.40 0.70 -9.83
N PHE B 156 2.37 1.42 -10.23
CA PHE B 156 2.53 2.60 -11.07
C PHE B 156 1.42 3.59 -10.73
N ARG B 157 1.69 4.86 -11.01
CA ARG B 157 0.76 5.95 -10.73
C ARG B 157 0.41 6.65 -12.05
N ALA B 158 -0.90 6.84 -12.27
CA ALA B 158 -1.35 7.37 -13.54
C ALA B 158 -0.90 8.81 -13.74
N LEU B 159 -1.12 9.65 -12.73
CA LEU B 159 -0.77 11.07 -12.87
C LEU B 159 0.71 11.23 -13.16
N SER B 160 1.02 12.05 -14.16
CA SER B 160 2.40 12.27 -14.56
C SER B 160 3.10 13.17 -13.54
N PRO B 161 4.43 13.13 -13.50
CA PRO B 161 5.17 13.94 -12.51
C PRO B 161 4.82 15.42 -12.63
N PRO B 162 4.67 15.95 -13.85
CA PRO B 162 4.21 17.34 -13.97
C PRO B 162 2.73 17.52 -13.71
N TYR B 163 1.96 16.43 -13.69
CA TYR B 163 0.52 16.49 -13.45
C TYR B 163 0.18 16.57 -11.97
N ASP B 164 1.13 16.29 -11.08
CA ASP B 164 0.83 16.33 -9.65
C ASP B 164 0.44 17.73 -9.20
N ILE B 165 1.15 18.75 -9.67
CA ILE B 165 0.84 20.14 -9.35
C ILE B 165 0.17 20.77 -10.55
N GLU B 166 -0.60 21.83 -10.29
CA GLU B 166 -1.36 22.52 -11.32
C GLU B 166 -2.33 21.56 -12.01
N ASN B 167 -3.31 21.09 -11.22
CA ASN B 167 -4.26 20.10 -11.71
C ASN B 167 -5.69 20.58 -11.51
N PRO B 168 -6.15 21.55 -12.29
CA PRO B 168 -7.57 21.92 -12.24
C PRO B 168 -8.45 20.75 -12.66
N TYR B 169 -9.76 20.96 -12.61
CA TYR B 169 -10.73 19.90 -12.85
C TYR B 169 -11.57 20.14 -14.09
N SER B 170 -11.03 20.83 -15.09
CA SER B 170 -11.78 21.09 -16.31
C SER B 170 -11.76 19.86 -17.22
N ALA B 171 -12.50 19.95 -18.33
CA ALA B 171 -12.57 18.84 -19.27
C ALA B 171 -11.19 18.52 -19.84
N LYS B 172 -10.27 19.47 -19.79
CA LYS B 172 -8.93 19.22 -20.31
C LYS B 172 -8.23 18.08 -19.59
N VAL B 173 -8.63 17.77 -18.36
CA VAL B 173 -8.08 16.65 -17.62
C VAL B 173 -9.11 15.55 -17.36
N GLN B 174 -10.39 15.81 -17.61
CA GLN B 174 -11.41 14.79 -17.36
C GLN B 174 -11.14 13.54 -18.19
N GLU B 175 -10.79 13.70 -19.46
CA GLU B 175 -10.56 12.55 -20.32
C GLU B 175 -9.49 11.64 -19.75
N GLN B 176 -8.49 12.20 -19.08
CA GLN B 176 -7.43 11.37 -18.51
C GLN B 176 -7.97 10.45 -17.41
N LEU B 177 -8.88 10.97 -16.58
CA LEU B 177 -9.40 10.23 -15.44
C LEU B 177 -10.93 10.17 -15.44
N LYS B 178 -11.53 9.98 -16.61
CA LYS B 178 -12.95 9.67 -16.72
C LYS B 178 -13.09 8.38 -17.52
N ILE B 179 -13.77 7.39 -16.93
CA ILE B 179 -13.74 6.02 -17.43
C ILE B 179 -15.18 5.52 -17.58
N THR B 180 -15.32 4.51 -18.46
CA THR B 180 -16.62 3.90 -18.73
C THR B 180 -16.67 2.40 -18.45
N ASN B 181 -15.55 1.68 -18.59
CA ASN B 181 -15.50 0.25 -18.33
C ASN B 181 -14.06 -0.14 -18.06
N LEU B 182 -13.87 -1.34 -17.51
CA LEU B 182 -12.55 -1.81 -17.11
C LEU B 182 -12.29 -3.18 -17.69
N ARG B 183 -11.06 -3.42 -18.14
CA ARG B 183 -10.62 -4.71 -18.63
C ARG B 183 -9.15 -4.87 -18.29
N VAL B 184 -8.67 -6.12 -18.33
CA VAL B 184 -7.25 -6.42 -18.12
C VAL B 184 -6.94 -7.76 -18.79
N ARG B 185 -5.74 -7.87 -19.36
CA ARG B 185 -5.32 -9.05 -20.10
C ARG B 185 -3.98 -9.54 -19.57
N LEU B 186 -3.85 -10.85 -19.41
CA LEU B 186 -2.60 -11.49 -19.01
C LEU B 186 -2.33 -12.63 -20.01
N LEU B 187 -1.11 -12.66 -20.56
CA LEU B 187 -0.77 -13.66 -21.57
C LEU B 187 0.02 -14.82 -20.97
N LYS B 188 1.14 -14.52 -20.32
CA LYS B 188 1.98 -15.58 -19.76
C LYS B 188 1.22 -16.39 -18.73
N ARG B 189 1.46 -17.71 -18.74
CA ARG B 189 0.86 -18.63 -17.79
C ARG B 189 1.94 -19.25 -16.93
N GLN B 190 1.74 -19.24 -15.62
CA GLN B 190 2.72 -19.82 -14.70
C GLN B 190 2.12 -19.86 -13.30
N SER B 191 2.44 -20.93 -12.58
CA SER B 191 2.13 -21.04 -11.16
C SER B 191 3.44 -21.17 -10.40
N CYS B 192 3.60 -20.34 -9.37
CA CYS B 192 4.88 -20.24 -8.69
C CYS B 192 5.25 -21.59 -8.08
N PRO B 193 6.55 -21.93 -8.05
CA PRO B 193 6.98 -23.31 -7.72
C PRO B 193 6.61 -23.76 -6.31
N CYS B 194 6.38 -25.07 -6.18
CA CYS B 194 6.00 -25.65 -4.91
C CYS B 194 6.76 -26.96 -4.69
N GLN B 195 6.47 -27.58 -3.54
CA GLN B 195 6.97 -28.94 -3.30
C GLN B 195 6.02 -29.96 -3.87
N ILE B 196 5.72 -29.82 -5.17
CA ILE B 196 4.78 -30.69 -5.87
C ILE B 196 5.01 -32.16 -5.57
N ASN B 197 6.24 -32.56 -5.24
CA ASN B 197 6.52 -33.94 -4.85
C ASN B 197 6.25 -34.12 -3.35
N ASP B 198 5.07 -33.68 -2.94
CA ASP B 198 4.70 -33.78 -1.52
C ASP B 198 4.47 -35.22 -1.12
N LEU B 199 3.74 -35.98 -1.94
CA LEU B 199 3.48 -37.39 -1.69
C LEU B 199 4.10 -38.18 -2.83
N ASN B 200 4.07 -39.51 -2.70
CA ASN B 200 4.62 -40.36 -3.75
C ASN B 200 3.93 -40.11 -5.08
N ALA B 201 2.60 -39.99 -5.06
CA ALA B 201 1.83 -39.66 -6.25
C ALA B 201 1.81 -38.15 -6.43
N LYS B 202 2.00 -37.70 -7.66
CA LYS B 202 2.00 -36.27 -7.93
C LYS B 202 0.57 -35.71 -7.80
N PRO B 203 0.43 -34.45 -7.40
CA PRO B 203 -0.90 -33.83 -7.41
C PRO B 203 -1.47 -33.74 -8.81
N HIS B 204 -2.71 -33.26 -8.93
CA HIS B 204 -3.37 -33.17 -10.22
C HIS B 204 -4.32 -31.98 -10.23
N HIS B 205 -4.63 -31.52 -11.44
CA HIS B 205 -5.58 -30.42 -11.66
C HIS B 205 -5.27 -29.24 -10.75
N PHE B 206 -4.05 -28.73 -10.88
CA PHE B 206 -3.59 -27.60 -10.09
C PHE B 206 -3.82 -26.26 -10.77
N MET B 207 -4.53 -26.24 -11.89
CA MET B 207 -4.75 -25.00 -12.62
C MET B 207 -5.38 -23.95 -11.71
N HIS B 208 -4.82 -22.75 -11.71
CA HIS B 208 -5.32 -21.67 -10.88
C HIS B 208 -4.58 -20.39 -11.21
N TYR B 209 -5.27 -19.27 -11.05
CA TYR B 209 -4.68 -17.93 -11.13
C TYR B 209 -5.15 -17.19 -9.88
N ALA B 210 -4.40 -17.36 -8.79
CA ALA B 210 -4.77 -16.74 -7.52
C ALA B 210 -4.78 -15.22 -7.67
N VAL B 211 -5.97 -14.64 -7.62
CA VAL B 211 -6.14 -13.19 -7.65
C VAL B 211 -6.84 -12.78 -6.36
N TYR B 212 -6.28 -11.79 -5.66
CA TYR B 212 -6.77 -11.45 -4.33
C TYR B 212 -8.11 -10.71 -4.41
N ASP B 213 -8.10 -9.53 -5.00
CA ASP B 213 -9.30 -8.72 -5.18
C ASP B 213 -8.90 -7.47 -5.96
N PHE B 214 -9.91 -6.77 -6.47
CA PHE B 214 -9.67 -5.56 -7.26
C PHE B 214 -10.60 -4.47 -6.73
N ILE B 215 -10.01 -3.43 -6.17
CA ILE B 215 -10.75 -2.26 -5.71
C ILE B 215 -9.93 -1.03 -6.06
N VAL B 216 -10.32 -0.36 -7.14
CA VAL B 216 -9.66 0.87 -7.59
C VAL B 216 -10.57 2.01 -7.18
N LYS B 217 -10.31 2.59 -6.02
CA LYS B 217 -11.18 3.63 -5.49
C LYS B 217 -11.30 4.79 -6.46
N GLY B 218 -12.53 5.25 -6.67
CA GLY B 218 -12.79 6.37 -7.55
C GLY B 218 -13.69 7.40 -6.91
N SER B 219 -13.18 8.62 -6.77
CA SER B 219 -13.96 9.68 -6.14
C SER B 219 -15.22 9.96 -6.95
N CYS B 220 -16.31 10.21 -6.23
CA CYS B 220 -17.56 10.58 -6.87
C CYS B 220 -17.35 11.78 -7.79
N PHE B 221 -17.48 11.57 -9.08
CA PHE B 221 -17.16 12.61 -10.06
C PHE B 221 -18.16 13.75 -9.90
N CYS B 222 -17.68 14.87 -9.36
CA CYS B 222 -18.50 16.06 -9.18
C CYS B 222 -17.74 17.32 -9.61
N ASN B 223 -16.63 17.17 -10.32
CA ASN B 223 -15.82 18.29 -10.80
C ASN B 223 -15.19 19.07 -9.66
N GLY B 224 -15.03 18.44 -8.50
CA GLY B 224 -14.43 19.11 -7.36
C GLY B 224 -15.25 20.27 -6.84
N HIS B 225 -16.57 20.18 -6.93
CA HIS B 225 -17.48 21.21 -6.43
C HIS B 225 -18.41 20.69 -5.34
N ALA B 226 -19.12 19.60 -5.59
CA ALA B 226 -20.14 19.06 -4.70
C ALA B 226 -19.49 18.54 -3.42
N ASP B 227 -20.22 18.70 -2.32
CA ASP B 227 -19.84 18.15 -1.02
C ASP B 227 -20.49 16.81 -0.75
N GLN B 228 -21.65 16.55 -1.36
CA GLN B 228 -22.37 15.29 -1.22
C GLN B 228 -23.05 14.96 -2.54
N CYS B 229 -22.82 13.75 -3.04
CA CYS B 229 -23.40 13.31 -4.31
C CYS B 229 -24.40 12.20 -4.03
N LEU B 230 -25.56 12.28 -4.68
CA LEU B 230 -26.62 11.30 -4.51
C LEU B 230 -26.09 9.88 -4.68
N PHE B 244 -24.42 -3.10 0.01
CA PHE B 244 -23.98 -1.96 0.80
C PHE B 244 -24.10 -0.67 -0.01
N HIS B 245 -24.05 0.47 0.69
CA HIS B 245 -24.13 1.76 0.01
C HIS B 245 -22.95 1.94 -0.94
N VAL B 246 -23.24 2.54 -2.09
CA VAL B 246 -22.26 2.69 -3.16
C VAL B 246 -22.27 4.13 -3.65
N VAL B 247 -21.21 4.49 -4.37
CA VAL B 247 -21.04 5.84 -4.88
C VAL B 247 -21.80 5.98 -6.20
N HIS B 248 -22.64 7.01 -6.29
CA HIS B 248 -23.39 7.28 -7.50
C HIS B 248 -22.67 8.28 -8.38
N GLY B 249 -23.34 8.72 -9.44
CA GLY B 249 -22.80 9.68 -10.38
C GLY B 249 -23.55 11.00 -10.48
N ARG B 250 -24.49 11.26 -9.57
CA ARG B 250 -25.27 12.50 -9.59
C ARG B 250 -24.79 13.39 -8.45
N CYS B 251 -24.45 14.64 -8.78
CA CYS B 251 -23.88 15.58 -7.83
C CYS B 251 -24.71 16.86 -7.80
N MET B 252 -24.96 17.38 -6.60
CA MET B 252 -25.55 18.70 -6.44
C MET B 252 -24.40 19.67 -6.12
N CYS B 253 -23.64 20.01 -7.15
CA CYS B 253 -22.47 20.85 -6.97
C CYS B 253 -22.85 22.24 -6.50
N LYS B 254 -22.04 22.82 -5.63
CA LYS B 254 -22.29 24.15 -5.10
C LYS B 254 -21.76 25.20 -6.09
N HIS B 255 -21.68 26.45 -5.66
CA HIS B 255 -21.30 27.56 -6.52
C HIS B 255 -22.33 27.76 -7.63
N ASN B 256 -23.58 27.35 -7.37
CA ASN B 256 -24.67 27.49 -8.32
C ASN B 256 -24.32 26.83 -9.66
N THR B 257 -23.88 25.58 -9.60
CA THR B 257 -23.50 24.81 -10.78
C THR B 257 -24.52 23.70 -11.02
N ALA B 258 -24.81 23.44 -12.28
CA ALA B 258 -25.80 22.44 -12.68
C ALA B 258 -25.16 21.42 -13.61
N GLY B 259 -25.81 20.27 -13.72
CA GLY B 259 -25.35 19.20 -14.57
C GLY B 259 -24.70 18.09 -13.76
N SER B 260 -24.75 16.87 -14.30
CA SER B 260 -24.15 15.73 -13.62
C SER B 260 -22.65 15.93 -13.46
N HIS B 261 -21.97 16.38 -14.51
CA HIS B 261 -20.55 16.65 -14.43
C HIS B 261 -20.23 18.03 -13.86
N CYS B 262 -21.25 18.88 -13.70
CA CYS B 262 -21.06 20.23 -13.16
C CYS B 262 -20.01 21.01 -13.95
N GLN B 263 -19.99 20.84 -15.26
CA GLN B 263 -19.04 21.57 -16.11
C GLN B 263 -19.50 22.98 -16.45
N HIS B 264 -20.75 23.33 -16.16
CA HIS B 264 -21.29 24.65 -16.44
C HIS B 264 -21.97 25.20 -15.19
N CYS B 265 -21.87 26.52 -15.02
CA CYS B 265 -22.45 27.20 -13.88
C CYS B 265 -23.80 27.79 -14.23
N ALA B 266 -24.52 28.24 -13.21
CA ALA B 266 -25.82 28.85 -13.43
C ALA B 266 -25.66 30.17 -14.17
N PRO B 267 -26.68 30.60 -14.92
CA PRO B 267 -26.55 31.82 -15.72
C PRO B 267 -26.66 33.11 -14.91
N LEU B 268 -26.73 33.03 -13.58
CA LEU B 268 -26.86 34.25 -12.79
C LEU B 268 -25.66 35.17 -12.97
N TYR B 269 -24.44 34.60 -12.95
CA TYR B 269 -23.23 35.37 -13.16
C TYR B 269 -22.23 34.60 -14.02
N ASN B 270 -22.72 33.72 -14.89
CA ASN B 270 -21.85 32.97 -15.80
C ASN B 270 -21.13 33.86 -16.79
N ASP B 271 -21.60 35.11 -16.98
CA ASP B 271 -20.97 35.98 -17.96
C ASP B 271 -19.48 36.15 -17.68
N ARG B 272 -19.08 36.07 -16.41
CA ARG B 272 -17.68 36.19 -16.09
C ARG B 272 -16.92 34.96 -16.58
N PRO B 273 -15.81 35.15 -17.29
CA PRO B 273 -15.06 33.99 -17.79
C PRO B 273 -14.56 33.14 -16.64
N TRP B 274 -14.56 31.82 -16.86
CA TRP B 274 -14.18 30.90 -15.80
C TRP B 274 -13.78 29.56 -16.41
N GLU B 275 -13.02 28.80 -15.63
CA GLU B 275 -12.73 27.40 -15.93
C GLU B 275 -13.06 26.61 -14.68
N ALA B 276 -12.74 25.31 -14.69
CA ALA B 276 -13.10 24.47 -13.56
C ALA B 276 -12.46 24.99 -12.28
N ALA B 277 -13.22 24.89 -11.19
CA ALA B 277 -12.76 25.45 -9.92
C ALA B 277 -11.63 24.61 -9.35
N ASP B 278 -10.39 25.01 -9.66
CA ASP B 278 -9.24 24.31 -9.12
C ASP B 278 -9.22 24.39 -7.60
N GLY B 279 -8.85 23.28 -6.98
CA GLY B 279 -8.87 23.18 -5.52
C GLY B 279 -7.92 24.11 -4.80
N ARG B 280 -6.96 24.70 -5.50
CA ARG B 280 -6.01 25.60 -4.85
C ARG B 280 -6.73 26.78 -4.23
N THR B 281 -7.65 27.40 -4.97
CA THR B 281 -8.41 28.55 -4.49
C THR B 281 -9.90 28.49 -4.80
N GLY B 282 -10.34 27.55 -5.63
CA GLY B 282 -11.75 27.48 -5.97
C GLY B 282 -12.25 28.72 -6.68
N ALA B 283 -11.51 29.20 -7.67
CA ALA B 283 -11.91 30.37 -8.44
C ALA B 283 -13.28 30.15 -9.06
C1 NAG C . 9.57 -4.71 32.75
C2 NAG C . 9.95 -4.34 34.19
C3 NAG C . 10.03 -2.83 34.33
C4 NAG C . 10.99 -2.25 33.29
C5 NAG C . 10.59 -2.72 31.90
C6 NAG C . 11.56 -2.28 30.83
C7 NAG C . 9.20 -4.97 36.44
C8 NAG C . 8.10 -5.56 37.26
N2 NAG C . 8.98 -4.89 35.13
O3 NAG C . 10.49 -2.51 35.63
O4 NAG C . 10.97 -0.83 33.35
O5 NAG C . 10.53 -4.15 31.85
O6 NAG C . 12.32 -1.15 31.25
O7 NAG C . 10.26 -4.59 36.94
C1 NAG D . 10.47 19.02 13.39
C2 NAG D . 10.43 18.21 12.09
C3 NAG D . 10.97 19.03 10.93
C4 NAG D . 10.26 20.37 10.84
C5 NAG D . 10.32 21.09 12.18
C6 NAG D . 9.53 22.38 12.21
C7 NAG D . 10.97 16.10 13.23
C8 NAG D . 11.83 14.88 13.21
N2 NAG D . 11.17 16.97 12.23
O3 NAG D . 10.80 18.31 9.72
O4 NAG D . 10.87 21.18 9.85
O5 NAG D . 9.76 20.25 13.20
O6 NAG D . 9.98 23.24 13.24
O7 NAG D . 10.12 16.29 14.09
C1 NAG E . 12.85 26.67 11.95
C2 NAG E . 12.34 27.19 10.60
C3 NAG E . 13.29 28.24 10.04
C4 NAG E . 13.55 29.33 11.06
C5 NAG E . 14.01 28.73 12.37
C6 NAG E . 14.18 29.74 13.47
C7 NAG E . 12.93 25.12 9.33
C8 NAG E . 14.25 25.07 10.05
N2 NAG E . 12.09 26.12 9.65
O3 NAG E . 12.72 28.80 8.85
O4 NAG E . 14.55 30.22 10.57
O5 NAG E . 13.05 27.76 12.84
O6 NAG E . 13.00 30.53 13.64
O7 NAG E . 12.62 24.26 8.51
C1 NAG F . 13.06 -6.71 -29.24
C2 NAG F . 12.64 -8.11 -29.68
C3 NAG F . 13.49 -8.57 -30.86
C4 NAG F . 13.47 -7.53 -31.97
C5 NAG F . 13.86 -6.17 -31.43
C6 NAG F . 13.73 -5.06 -32.46
C7 NAG F . 12.09 -8.90 -27.43
C8 NAG F . 12.30 -9.97 -26.40
N2 NAG F . 12.74 -9.06 -28.58
O3 NAG F . 13.01 -9.81 -31.34
O4 NAG F . 14.38 -7.91 -33.00
O5 NAG F . 12.98 -5.81 -30.34
O6 NAG F . 14.94 -4.91 -33.20
O7 NAG F . 11.35 -7.94 -27.22
C1 NAG G . -14.53 -28.49 -23.78
C2 NAG G . -15.86 -28.82 -24.44
C3 NAG G . -16.25 -27.73 -25.43
C4 NAG G . -16.22 -26.36 -24.75
C5 NAG G . -14.86 -26.14 -24.09
C6 NAG G . -14.78 -24.84 -23.30
C7 NAG G . -16.90 -30.76 -25.52
C8 NAG G . -16.66 -32.08 -26.17
N2 NAG G . -15.81 -30.11 -25.10
O3 NAG G . -17.55 -27.98 -25.93
O4 NAG G . -16.44 -25.34 -25.72
O5 NAG G . -14.60 -27.20 -23.16
O6 NAG G . -16.06 -24.24 -23.17
O7 NAG G . -18.03 -30.31 -25.36
C1 NAG H . 18.94 -6.45 -39.17
C2 NAG H . 17.51 -6.18 -38.69
C3 NAG H . 16.51 -6.89 -39.57
C4 NAG H . 16.75 -6.54 -41.04
C5 NAG H . 18.20 -6.79 -41.41
C6 NAG H . 18.52 -6.33 -42.82
C7 NAG H . 16.27 -6.26 -36.58
C8 NAG H . 16.27 -6.75 -35.16
N2 NAG H . 17.35 -6.57 -37.30
O3 NAG H . 15.19 -6.52 -39.19
O4 NAG H . 15.90 -7.33 -41.86
O5 NAG H . 19.06 -6.06 -40.53
O6 NAG H . 19.63 -7.04 -43.36
O7 NAG H . 15.34 -5.61 -37.04
C1 NAG I . -18.05 -27.21 -29.49
C2 NAG I . -18.28 -25.86 -30.17
C3 NAG I . -19.43 -25.96 -31.16
C4 NAG I . -19.20 -27.11 -32.14
C5 NAG I . -18.94 -28.40 -31.37
C6 NAG I . -18.57 -29.55 -32.28
C7 NAG I . -17.68 -24.51 -28.21
C8 NAG I . -18.10 -23.41 -27.29
N2 NAG I . -18.53 -24.81 -29.20
O3 NAG I . -19.55 -24.73 -31.88
O4 NAG I . -20.34 -27.29 -32.97
O5 NAG I . -17.84 -28.21 -30.48
O6 NAG I . -17.17 -29.71 -32.38
O7 NAG I . -16.62 -25.11 -28.06
#